data_2EJ5
#
_entry.id   2EJ5
#
_cell.length_a   117.008
_cell.length_b   117.008
_cell.length_c   117.008
_cell.angle_alpha   90.00
_cell.angle_beta   90.00
_cell.angle_gamma   90.00
#
_symmetry.space_group_name_H-M   'P 21 3'
#
loop_
_entity.id
_entity.type
_entity.pdbx_description
1 polymer 'Enoyl-CoA hydratase subunit II'
2 water water
#
_entity_poly.entity_id   1
_entity_poly.type   'polypeptide(L)'
_entity_poly.pdbx_seq_one_letter_code
;MYETIRYEVKGQVAWLTLNRPDQLNAFTEQMNAEVTKALKQAGADPNVRCVVITGAGRAFCAGEDLSGVTEEMDHGDVLR
SRYAPMMKALHHLEKPVVAAVNGAAAGAGMSLALACDFRLLSEKASFAPAFIHVGLVPDAGHLYYLPRLVGRAKALELAV
LGEKVTAEEAAALGLATKVIPLSDWEEEVKQFAERLSAMPTKAIGLIKRLLRESEETTFDRYLEREAECQRIAGLTSDHR
EGVKAFFEKRKPLFQGN
;
_entity_poly.pdbx_strand_id   A,B
#
# COMPACT_ATOMS: atom_id res chain seq x y z
N MET A 1 -19.06 -15.67 -10.65
CA MET A 1 -17.68 -15.58 -11.20
C MET A 1 -17.28 -14.10 -11.36
N TYR A 2 -16.13 -13.83 -11.99
CA TYR A 2 -15.83 -12.48 -12.49
C TYR A 2 -16.74 -12.22 -13.67
N GLU A 3 -17.11 -10.96 -13.90
CA GLU A 3 -18.06 -10.62 -14.97
C GLU A 3 -17.48 -9.85 -16.14
N THR A 4 -16.41 -9.09 -15.91
CA THR A 4 -15.81 -8.29 -16.99
C THR A 4 -14.48 -8.89 -17.46
N ILE A 5 -13.96 -9.83 -16.69
CA ILE A 5 -12.77 -10.57 -17.08
C ILE A 5 -13.00 -12.07 -16.87
N ARG A 6 -12.08 -12.84 -17.44
CA ARG A 6 -12.01 -14.28 -17.28
C ARG A 6 -10.65 -14.55 -16.64
N TYR A 7 -10.67 -15.37 -15.59
CA TYR A 7 -9.47 -15.77 -14.90
C TYR A 7 -9.48 -17.28 -14.86
N GLU A 8 -8.47 -17.88 -15.48
CA GLU A 8 -8.39 -19.33 -15.62
C GLU A 8 -6.92 -19.73 -15.48
N VAL A 9 -6.62 -20.59 -14.53
CA VAL A 9 -5.30 -21.19 -14.44
C VAL A 9 -5.26 -22.45 -15.34
N LYS A 10 -4.34 -22.47 -16.30
CA LYS A 10 -4.13 -23.63 -17.15
C LYS A 10 -2.68 -24.05 -17.00
N GLY A 11 -2.48 -25.18 -16.33
CA GLY A 11 -1.16 -25.67 -16.01
C GLY A 11 -0.73 -24.84 -14.83
N GLN A 12 0.37 -24.09 -15.01
CA GLN A 12 0.78 -23.12 -14.00
C GLN A 12 0.78 -21.68 -14.51
N VAL A 13 -0.03 -21.43 -15.53
CA VAL A 13 -0.24 -20.07 -15.97
C VAL A 13 -1.65 -19.57 -15.74
N ALA A 14 -1.72 -18.41 -15.09
CA ALA A 14 -2.99 -17.71 -14.95
C ALA A 14 -3.25 -16.86 -16.19
N TRP A 15 -4.33 -17.18 -16.89
CA TRP A 15 -4.77 -16.49 -18.07
C TRP A 15 -5.80 -15.46 -17.59
N LEU A 16 -5.43 -14.19 -17.65
CA LEU A 16 -6.32 -13.10 -17.26
C LEU A 16 -6.81 -12.45 -18.54
N THR A 17 -8.04 -12.77 -18.92
CA THR A 17 -8.56 -12.26 -20.17
C THR A 17 -9.53 -11.10 -19.88
N LEU A 18 -9.21 -9.92 -20.41
CA LEU A 18 -10.10 -8.77 -20.32
C LEU A 18 -11.32 -9.03 -21.23
N ASN A 19 -12.53 -8.86 -20.69
CA ASN A 19 -13.71 -9.49 -21.31
C ASN A 19 -14.95 -8.58 -21.46
N ARG A 20 -14.82 -7.50 -22.23
CA ARG A 20 -15.95 -6.65 -22.64
C ARG A 20 -15.74 -6.46 -24.13
N PRO A 21 -15.75 -7.57 -24.87
CA PRO A 21 -15.40 -7.51 -26.28
C PRO A 21 -16.22 -6.51 -27.09
N ASP A 22 -17.51 -6.32 -26.78
CA ASP A 22 -18.30 -5.35 -27.56
C ASP A 22 -17.82 -3.90 -27.40
N GLN A 23 -17.16 -3.61 -26.28
CA GLN A 23 -16.62 -2.27 -26.05
C GLN A 23 -15.08 -2.28 -26.11
N LEU A 24 -14.52 -3.26 -26.83
CA LEU A 24 -13.07 -3.40 -27.06
C LEU A 24 -12.30 -3.50 -25.74
N ASN A 25 -12.93 -4.21 -24.80
CA ASN A 25 -12.41 -4.47 -23.45
C ASN A 25 -12.07 -3.17 -22.67
N ALA A 26 -12.82 -2.11 -22.94
CA ALA A 26 -12.61 -0.85 -22.25
C ALA A 26 -12.90 -1.00 -20.75
N PHE A 27 -12.10 -0.31 -19.95
CA PHE A 27 -12.20 -0.43 -18.50
C PHE A 27 -13.47 0.22 -17.95
N THR A 28 -14.07 -0.45 -16.97
CA THR A 28 -15.07 0.17 -16.11
C THR A 28 -14.66 -0.06 -14.67
N GLU A 29 -15.37 0.58 -13.77
CA GLU A 29 -15.12 0.40 -12.32
C GLU A 29 -14.95 -1.06 -11.87
N GLN A 30 -15.83 -1.96 -12.32
CA GLN A 30 -15.69 -3.34 -11.90
C GLN A 30 -14.59 -4.15 -12.65
N MET A 31 -14.31 -3.80 -13.90
CA MET A 31 -13.14 -4.39 -14.60
C MET A 31 -11.88 -4.00 -13.85
N ASN A 32 -11.77 -2.73 -13.49
CA ASN A 32 -10.64 -2.29 -12.66
C ASN A 32 -10.55 -3.08 -11.38
N ALA A 33 -11.68 -3.23 -10.69
CA ALA A 33 -11.71 -3.95 -9.46
C ALA A 33 -11.40 -5.44 -9.60
N GLU A 34 -11.90 -6.05 -10.67
CA GLU A 34 -11.71 -7.50 -10.86
C GLU A 34 -10.26 -7.80 -11.24
N VAL A 35 -9.67 -6.96 -12.07
CA VAL A 35 -8.27 -7.16 -12.47
C VAL A 35 -7.37 -7.08 -11.24
N THR A 36 -7.65 -6.12 -10.34
CA THR A 36 -6.90 -5.95 -9.10
C THR A 36 -6.94 -7.21 -8.27
N LYS A 37 -8.15 -7.67 -7.97
CA LYS A 37 -8.38 -8.93 -7.23
C LYS A 37 -7.67 -10.15 -7.87
N ALA A 38 -7.79 -10.29 -9.18
CA ALA A 38 -7.22 -11.40 -9.93
C ALA A 38 -5.67 -11.37 -9.84
N LEU A 39 -5.09 -10.16 -9.96
CA LEU A 39 -3.62 -10.04 -9.85
C LEU A 39 -3.15 -10.42 -8.50
N LYS A 40 -3.91 -10.04 -7.47
CA LYS A 40 -3.51 -10.35 -6.11
C LYS A 40 -3.67 -11.87 -5.87
N GLN A 41 -4.70 -12.45 -6.48
CA GLN A 41 -4.99 -13.89 -6.45
C GLN A 41 -3.78 -14.66 -7.04
N ALA A 42 -3.46 -14.32 -8.30
CA ALA A 42 -2.28 -14.89 -8.97
C ALA A 42 -1.00 -14.75 -8.16
N GLY A 43 -0.79 -13.59 -7.54
CA GLY A 43 0.37 -13.40 -6.66
C GLY A 43 0.38 -14.31 -5.44
N ALA A 44 -0.81 -14.64 -4.92
CA ALA A 44 -0.89 -15.41 -3.65
C ALA A 44 -0.92 -16.91 -3.88
N ASP A 45 -1.25 -17.31 -5.11
CA ASP A 45 -1.37 -18.71 -5.51
C ASP A 45 -0.01 -19.34 -5.86
N PRO A 46 0.47 -20.28 -5.01
CA PRO A 46 1.73 -21.01 -5.23
C PRO A 46 1.73 -21.86 -6.50
N ASN A 47 0.56 -22.12 -7.06
CA ASN A 47 0.49 -22.91 -8.27
C ASN A 47 0.64 -22.05 -9.53
N VAL A 48 0.50 -20.72 -9.37
CA VAL A 48 0.61 -19.78 -10.49
C VAL A 48 2.07 -19.34 -10.60
N ARG A 49 2.69 -19.58 -11.75
CA ARG A 49 4.08 -19.20 -11.97
C ARG A 49 4.26 -18.20 -13.10
N CYS A 50 3.18 -17.87 -13.81
CA CYS A 50 3.20 -16.87 -14.86
C CYS A 50 1.81 -16.32 -15.02
N VAL A 51 1.73 -15.07 -15.44
CA VAL A 51 0.42 -14.49 -15.71
C VAL A 51 0.37 -14.01 -17.12
N VAL A 52 -0.74 -14.26 -17.80
CA VAL A 52 -0.93 -13.70 -19.13
C VAL A 52 -2.14 -12.80 -19.09
N ILE A 53 -1.98 -11.57 -19.56
CA ILE A 53 -3.14 -10.67 -19.77
C ILE A 53 -3.35 -10.50 -21.28
N THR A 54 -4.58 -10.75 -21.73
CA THR A 54 -4.92 -10.63 -23.14
C THR A 54 -6.36 -10.15 -23.24
N GLY A 55 -6.76 -9.69 -24.41
CA GLY A 55 -8.12 -9.20 -24.66
C GLY A 55 -8.99 -10.23 -25.40
N ALA A 56 -10.26 -10.36 -25.00
CA ALA A 56 -11.20 -11.15 -25.79
C ALA A 56 -11.56 -10.35 -27.04
N GLY A 57 -11.79 -11.06 -28.13
CA GLY A 57 -12.24 -10.42 -29.36
C GLY A 57 -11.10 -9.89 -30.19
N ARG A 58 -11.40 -8.85 -30.99
CA ARG A 58 -10.46 -8.24 -31.90
C ARG A 58 -9.40 -7.34 -31.23
N ALA A 59 -9.74 -6.69 -30.12
CA ALA A 59 -8.83 -5.72 -29.51
C ALA A 59 -8.18 -6.25 -28.23
N PHE A 60 -7.04 -5.65 -27.82
CA PHE A 60 -6.48 -5.93 -26.50
C PHE A 60 -7.30 -5.15 -25.43
N CYS A 61 -7.29 -3.83 -25.54
CA CYS A 61 -7.98 -2.92 -24.59
C CYS A 61 -7.97 -1.48 -25.12
N ALA A 62 -9.17 -0.93 -25.36
CA ALA A 62 -9.26 0.42 -25.89
C ALA A 62 -9.14 1.52 -24.80
N GLY A 63 -8.88 1.12 -23.56
CA GLY A 63 -8.72 2.04 -22.43
C GLY A 63 -10.01 2.39 -21.70
N GLU A 64 -10.19 3.65 -21.34
CA GLU A 64 -11.41 4.03 -20.61
C GLU A 64 -12.63 4.00 -21.54
N ASP A 65 -13.67 3.35 -21.05
CA ASP A 65 -14.97 3.28 -21.69
C ASP A 65 -15.48 4.72 -21.71
N LEU A 66 -15.69 5.24 -22.92
CA LEU A 66 -16.21 6.59 -23.10
C LEU A 66 -17.64 6.66 -23.65
N ASP A 74 -15.02 13.67 -11.98
CA ASP A 74 -13.66 14.10 -11.64
C ASP A 74 -12.68 13.03 -12.14
N HIS A 75 -11.87 13.39 -13.13
CA HIS A 75 -10.85 12.51 -13.70
C HIS A 75 -9.81 12.05 -12.69
N GLY A 76 -9.51 12.91 -11.74
CA GLY A 76 -8.57 12.56 -10.67
C GLY A 76 -9.08 11.42 -9.82
N ASP A 77 -10.34 11.54 -9.41
CA ASP A 77 -11.02 10.54 -8.57
C ASP A 77 -11.14 9.22 -9.32
N VAL A 78 -11.48 9.28 -10.60
CA VAL A 78 -11.50 8.07 -11.44
C VAL A 78 -10.13 7.36 -11.30
N LEU A 79 -9.05 8.08 -11.57
CA LEU A 79 -7.72 7.50 -11.43
C LEU A 79 -7.35 6.97 -10.05
N ARG A 80 -7.54 7.77 -8.99
CA ARG A 80 -7.10 7.31 -7.67
C ARG A 80 -7.97 6.19 -7.12
N SER A 81 -9.26 6.17 -7.47
CA SER A 81 -10.13 5.16 -6.85
C SER A 81 -10.21 3.84 -7.62
N ARG A 82 -10.14 3.91 -8.94
CA ARG A 82 -10.22 2.73 -9.82
C ARG A 82 -8.83 2.22 -10.29
N TYR A 83 -8.05 3.11 -10.90
CA TYR A 83 -6.83 2.70 -11.62
C TYR A 83 -5.63 2.50 -10.70
N ALA A 84 -5.46 3.36 -9.70
CA ALA A 84 -4.33 3.26 -8.76
C ALA A 84 -4.20 1.88 -8.07
N PRO A 85 -5.30 1.33 -7.49
CA PRO A 85 -5.21 -0.02 -6.91
C PRO A 85 -4.78 -1.13 -7.89
N MET A 86 -5.27 -1.04 -9.13
CA MET A 86 -4.97 -1.99 -10.20
C MET A 86 -3.49 -1.90 -10.60
N MET A 87 -3.03 -0.67 -10.86
CA MET A 87 -1.63 -0.47 -11.25
C MET A 87 -0.67 -0.75 -10.12
N LYS A 88 -1.09 -0.51 -8.87
CA LYS A 88 -0.23 -0.88 -7.72
C LYS A 88 -0.16 -2.37 -7.55
N ALA A 89 -1.30 -3.06 -7.73
CA ALA A 89 -1.27 -4.53 -7.68
C ALA A 89 -0.33 -5.08 -8.76
N LEU A 90 -0.45 -4.58 -9.98
CA LEU A 90 0.45 -5.05 -11.06
C LEU A 90 1.88 -4.75 -10.70
N HIS A 91 2.13 -3.55 -10.22
CA HIS A 91 3.49 -3.07 -10.01
C HIS A 91 4.17 -3.86 -8.89
N HIS A 92 3.40 -4.32 -7.91
CA HIS A 92 3.97 -5.10 -6.82
C HIS A 92 3.94 -6.62 -7.06
N LEU A 93 3.24 -7.08 -8.09
CA LEU A 93 3.20 -8.51 -8.40
C LEU A 93 4.57 -9.06 -8.82
N GLU A 94 5.04 -10.08 -8.09
CA GLU A 94 6.37 -10.69 -8.26
C GLU A 94 6.32 -12.01 -9.05
N LYS A 95 5.37 -12.16 -9.95
CA LYS A 95 5.38 -13.29 -10.87
C LYS A 95 5.53 -12.61 -12.22
N PRO A 96 6.07 -13.33 -13.23
CA PRO A 96 6.17 -12.67 -14.52
C PRO A 96 4.81 -12.49 -15.15
N VAL A 97 4.65 -11.38 -15.85
CA VAL A 97 3.37 -11.02 -16.45
C VAL A 97 3.62 -10.66 -17.90
N VAL A 98 2.96 -11.43 -18.77
CA VAL A 98 3.03 -11.19 -20.17
C VAL A 98 1.79 -10.49 -20.66
N ALA A 99 1.94 -9.35 -21.32
CA ALA A 99 0.85 -8.73 -22.08
C ALA A 99 0.83 -9.38 -23.46
N ALA A 100 -0.19 -10.21 -23.71
CA ALA A 100 -0.42 -10.78 -25.01
C ALA A 100 -1.35 -9.85 -25.81
N VAL A 101 -0.75 -8.91 -26.53
CA VAL A 101 -1.51 -7.82 -27.15
C VAL A 101 -2.04 -8.34 -28.50
N ASN A 102 -3.25 -8.87 -28.47
CA ASN A 102 -3.90 -9.53 -29.64
C ASN A 102 -4.43 -8.57 -30.71
N GLY A 103 -4.66 -7.32 -30.34
CA GLY A 103 -5.13 -6.32 -31.29
C GLY A 103 -4.87 -4.94 -30.70
N ALA A 104 -5.75 -3.98 -31.00
CA ALA A 104 -5.58 -2.60 -30.57
C ALA A 104 -5.46 -2.41 -29.07
N ALA A 105 -4.41 -1.68 -28.67
CA ALA A 105 -4.21 -1.21 -27.30
C ALA A 105 -4.14 0.31 -27.40
N ALA A 106 -5.12 0.97 -26.77
CA ALA A 106 -5.23 2.42 -26.87
C ALA A 106 -5.46 3.01 -25.49
N GLY A 107 -4.99 4.24 -25.27
CA GLY A 107 -5.27 4.88 -23.99
C GLY A 107 -4.71 4.08 -22.84
N ALA A 108 -5.48 3.94 -21.77
CA ALA A 108 -5.08 3.11 -20.65
C ALA A 108 -4.85 1.64 -21.01
N GLY A 109 -5.38 1.20 -22.14
CA GLY A 109 -5.06 -0.14 -22.60
C GLY A 109 -3.58 -0.25 -22.97
N MET A 110 -3.02 0.82 -23.58
CA MET A 110 -1.60 0.93 -23.88
C MET A 110 -0.82 1.00 -22.57
N SER A 111 -1.34 1.80 -21.61
CA SER A 111 -0.73 1.88 -20.28
C SER A 111 -0.55 0.54 -19.61
N LEU A 112 -1.63 -0.25 -19.62
CA LEU A 112 -1.60 -1.59 -19.05
C LEU A 112 -0.50 -2.45 -19.72
N ALA A 113 -0.43 -2.41 -21.05
CA ALA A 113 0.56 -3.20 -21.77
C ALA A 113 2.02 -2.80 -21.39
N LEU A 114 2.27 -1.49 -21.25
CA LEU A 114 3.59 -0.99 -20.90
C LEU A 114 4.00 -1.41 -19.49
N ALA A 115 3.01 -1.62 -18.60
CA ALA A 115 3.29 -2.02 -17.21
C ALA A 115 3.64 -3.51 -17.05
N CYS A 116 3.37 -4.30 -18.09
CA CYS A 116 3.71 -5.73 -18.04
C CYS A 116 5.18 -5.97 -18.30
N ASP A 117 5.68 -7.16 -17.99
CA ASP A 117 7.11 -7.47 -18.12
C ASP A 117 7.54 -7.78 -19.56
N PHE A 118 6.65 -8.44 -20.29
CA PHE A 118 6.88 -8.78 -21.69
C PHE A 118 5.63 -8.40 -22.47
N ARG A 119 5.81 -8.01 -23.74
CA ARG A 119 4.70 -7.63 -24.63
C ARG A 119 4.85 -8.42 -25.93
N LEU A 120 3.93 -9.37 -26.15
CA LEU A 120 3.92 -10.16 -27.37
C LEU A 120 2.85 -9.52 -28.22
N LEU A 121 3.23 -8.99 -29.35
CA LEU A 121 2.27 -8.31 -30.19
C LEU A 121 1.90 -9.22 -31.37
N SER A 122 0.61 -9.43 -31.55
CA SER A 122 0.14 -10.09 -32.76
C SER A 122 0.46 -9.18 -33.94
N GLU A 123 0.54 -9.73 -35.15
CA GLU A 123 0.90 -8.87 -36.28
C GLU A 123 -0.13 -7.77 -36.55
N LYS A 124 -1.34 -7.92 -36.00
CA LYS A 124 -2.41 -6.94 -36.22
C LYS A 124 -2.61 -5.99 -35.00
N ALA A 125 -1.80 -6.13 -33.96
CA ALA A 125 -1.88 -5.25 -32.79
C ALA A 125 -1.35 -3.87 -33.15
N SER A 126 -1.60 -2.86 -32.29
CA SER A 126 -1.12 -1.50 -32.49
C SER A 126 -1.23 -0.78 -31.15
N PHE A 127 -0.40 0.24 -30.97
CA PHE A 127 -0.45 1.01 -29.76
C PHE A 127 -0.91 2.40 -30.15
N ALA A 128 -1.92 2.90 -29.44
CA ALA A 128 -2.46 4.21 -29.74
C ALA A 128 -2.38 5.11 -28.49
N PRO A 129 -1.41 6.06 -28.44
CA PRO A 129 -1.34 6.93 -27.26
C PRO A 129 -2.33 8.06 -27.47
N ALA A 130 -3.60 7.74 -27.29
CA ALA A 130 -4.68 8.53 -27.86
C ALA A 130 -5.17 9.67 -26.96
N PHE A 131 -4.73 9.66 -25.70
CA PHE A 131 -5.15 10.66 -24.69
C PHE A 131 -5.17 12.11 -25.23
N ILE A 132 -4.09 12.51 -25.87
CA ILE A 132 -3.93 13.90 -26.34
C ILE A 132 -5.05 14.37 -27.30
N HIS A 133 -5.60 13.45 -28.08
CA HIS A 133 -6.65 13.82 -29.03
C HIS A 133 -7.99 14.17 -28.37
N VAL A 134 -8.17 13.81 -27.11
CA VAL A 134 -9.29 14.32 -26.31
C VAL A 134 -8.83 15.33 -25.25
N GLY A 135 -7.66 15.91 -25.45
CA GLY A 135 -7.15 16.92 -24.51
C GLY A 135 -6.75 16.44 -23.12
N LEU A 136 -6.48 15.14 -22.99
CA LEU A 136 -6.06 14.55 -21.73
C LEU A 136 -4.58 14.11 -21.76
N VAL A 137 -4.06 13.71 -20.59
CA VAL A 137 -2.67 13.32 -20.46
C VAL A 137 -2.62 11.77 -20.40
N PRO A 138 -1.51 11.16 -20.88
CA PRO A 138 -1.40 9.72 -20.66
C PRO A 138 -1.39 9.40 -19.17
N ASP A 139 -2.16 8.41 -18.77
CA ASP A 139 -2.35 8.10 -17.35
C ASP A 139 -2.30 6.59 -17.00
N ALA A 140 -2.73 6.23 -15.78
CA ALA A 140 -2.52 4.87 -15.23
C ALA A 140 -1.04 4.47 -15.34
N GLY A 141 -0.15 5.43 -15.09
CA GLY A 141 1.28 5.09 -14.99
C GLY A 141 2.08 5.28 -16.26
N HIS A 142 1.41 5.69 -17.34
CA HIS A 142 1.94 5.70 -18.69
C HIS A 142 3.32 6.39 -18.75
N LEU A 143 3.38 7.63 -18.25
CA LEU A 143 4.60 8.41 -18.32
C LEU A 143 5.65 8.07 -17.27
N TYR A 144 5.34 7.12 -16.40
CA TYR A 144 6.36 6.56 -15.52
C TYR A 144 7.05 5.45 -16.29
N TYR A 145 6.25 4.59 -16.94
CA TYR A 145 6.83 3.47 -17.69
C TYR A 145 7.53 3.83 -18.98
N LEU A 146 6.89 4.72 -19.72
CA LEU A 146 7.25 4.92 -21.13
C LEU A 146 8.69 5.45 -21.27
N PRO A 147 9.06 6.53 -20.55
CA PRO A 147 10.45 6.95 -20.76
C PRO A 147 11.47 5.92 -20.25
N ARG A 148 11.08 5.07 -19.30
CA ARG A 148 11.97 3.96 -18.87
C ARG A 148 12.13 2.87 -19.92
N LEU A 149 11.28 2.90 -20.96
CA LEU A 149 11.40 1.94 -22.06
C LEU A 149 12.00 2.58 -23.30
N VAL A 150 11.61 3.83 -23.59
CA VAL A 150 12.00 4.44 -24.87
C VAL A 150 12.83 5.73 -24.74
N GLY A 151 13.09 6.22 -23.53
CA GLY A 151 13.85 7.48 -23.31
C GLY A 151 12.93 8.69 -23.37
N ARG A 152 13.42 9.86 -22.97
CA ARG A 152 12.50 11.00 -22.80
C ARG A 152 11.91 11.48 -24.10
N ALA A 153 12.74 11.54 -25.13
CA ALA A 153 12.33 12.19 -26.39
C ALA A 153 11.18 11.39 -27.03
N LYS A 154 11.38 10.08 -27.15
CA LYS A 154 10.33 9.27 -27.80
C LYS A 154 9.09 9.23 -26.94
N ALA A 155 9.23 9.24 -25.61
CA ALA A 155 8.04 9.23 -24.77
C ALA A 155 7.23 10.50 -24.98
N LEU A 156 7.91 11.65 -25.05
CA LEU A 156 7.23 12.94 -25.29
C LEU A 156 6.55 12.96 -26.69
N GLU A 157 7.23 12.44 -27.69
CA GLU A 157 6.71 12.39 -29.05
C GLU A 157 5.43 11.56 -29.12
N LEU A 158 5.45 10.39 -28.48
CA LEU A 158 4.29 9.55 -28.36
C LEU A 158 3.16 10.21 -27.62
N ALA A 159 3.44 10.75 -26.42
CA ALA A 159 2.42 11.44 -25.63
C ALA A 159 1.87 12.68 -26.29
N VAL A 160 2.71 13.43 -27.03
CA VAL A 160 2.31 14.76 -27.49
C VAL A 160 1.70 14.69 -28.86
N LEU A 161 2.35 13.97 -29.77
CA LEU A 161 1.83 13.88 -31.13
C LEU A 161 0.72 12.86 -31.23
N GLY A 162 0.70 11.90 -30.28
CA GLY A 162 -0.40 10.93 -30.21
C GLY A 162 -0.55 10.00 -31.41
N GLU A 163 0.51 9.75 -32.17
CA GLU A 163 0.37 8.98 -33.39
C GLU A 163 0.42 7.49 -33.11
N LYS A 164 -0.56 6.78 -33.66
CA LYS A 164 -0.67 5.33 -33.53
C LYS A 164 0.57 4.61 -34.12
N VAL A 165 1.03 3.55 -33.47
CA VAL A 165 2.14 2.78 -33.98
C VAL A 165 1.74 1.35 -34.31
N THR A 166 2.26 0.84 -35.43
CA THR A 166 1.99 -0.54 -35.82
C THR A 166 2.82 -1.51 -34.95
N ALA A 167 2.52 -2.81 -35.03
CA ALA A 167 3.28 -3.83 -34.30
C ALA A 167 4.76 -3.73 -34.65
N GLU A 168 5.07 -3.59 -35.94
CA GLU A 168 6.47 -3.61 -36.34
C GLU A 168 7.18 -2.32 -35.93
N GLU A 169 6.45 -1.21 -35.94
CA GLU A 169 6.96 0.07 -35.45
C GLU A 169 7.19 0.03 -33.94
N ALA A 170 6.26 -0.57 -33.19
CA ALA A 170 6.46 -0.82 -31.76
C ALA A 170 7.71 -1.68 -31.50
N ALA A 171 7.88 -2.76 -32.28
CA ALA A 171 9.09 -3.56 -32.15
C ALA A 171 10.36 -2.72 -32.37
N ALA A 172 10.37 -1.87 -33.41
CA ALA A 172 11.50 -0.97 -33.69
C ALA A 172 11.76 -0.02 -32.53
N LEU A 173 10.70 0.40 -31.85
CA LEU A 173 10.84 1.36 -30.73
C LEU A 173 11.33 0.71 -29.44
N GLY A 174 11.29 -0.60 -29.38
CA GLY A 174 11.67 -1.33 -28.16
C GLY A 174 10.46 -1.61 -27.30
N LEU A 175 9.25 -1.51 -27.88
CA LEU A 175 7.99 -1.76 -27.16
C LEU A 175 7.38 -3.18 -27.31
N ALA A 176 7.98 -3.99 -28.16
CA ALA A 176 7.57 -5.40 -28.31
C ALA A 176 8.71 -6.40 -28.00
N THR A 177 8.43 -7.36 -27.12
CA THR A 177 9.26 -8.54 -26.96
C THR A 177 9.36 -9.34 -28.27
N LYS A 178 8.22 -9.55 -28.94
CA LYS A 178 8.22 -10.05 -30.30
C LYS A 178 6.89 -9.79 -30.99
N VAL A 179 6.90 -9.89 -32.31
CA VAL A 179 5.70 -9.76 -33.12
C VAL A 179 5.41 -11.16 -33.68
N ILE A 180 4.18 -11.61 -33.46
CA ILE A 180 3.77 -12.98 -33.78
C ILE A 180 2.77 -12.96 -34.93
N PRO A 181 3.01 -13.80 -35.98
CA PRO A 181 2.02 -13.93 -37.05
C PRO A 181 0.67 -14.42 -36.56
N LEU A 182 -0.39 -13.97 -37.21
CA LEU A 182 -1.73 -14.38 -36.77
C LEU A 182 -2.00 -15.90 -36.69
N SER A 183 -1.60 -16.67 -37.69
CA SER A 183 -1.85 -18.11 -37.62
C SER A 183 -1.15 -18.79 -36.42
N ASP A 184 -0.06 -18.17 -35.95
CA ASP A 184 0.84 -18.73 -34.93
C ASP A 184 0.49 -18.25 -33.51
N TRP A 185 -0.47 -17.34 -33.45
CA TRP A 185 -0.72 -16.55 -32.26
C TRP A 185 -0.99 -17.40 -31.03
N GLU A 186 -2.04 -18.23 -31.06
CA GLU A 186 -2.43 -18.94 -29.83
C GLU A 186 -1.29 -19.84 -29.31
N GLU A 187 -0.60 -20.53 -30.23
CA GLU A 187 0.43 -21.48 -29.82
C GLU A 187 1.68 -20.78 -29.32
N GLU A 188 2.11 -19.72 -29.97
CA GLU A 188 3.33 -19.04 -29.54
C GLU A 188 3.18 -18.33 -28.20
N VAL A 189 2.01 -17.73 -27.98
CA VAL A 189 1.68 -17.16 -26.68
C VAL A 189 1.70 -18.24 -25.59
N LYS A 190 0.97 -19.34 -25.81
CA LYS A 190 1.03 -20.41 -24.80
C LYS A 190 2.42 -20.94 -24.55
N GLN A 191 3.24 -21.14 -25.58
CA GLN A 191 4.57 -21.68 -25.36
C GLN A 191 5.47 -20.70 -24.56
N PHE A 192 5.33 -19.40 -24.85
CA PHE A 192 6.12 -18.36 -24.13
C PHE A 192 5.74 -18.34 -22.66
N ALA A 193 4.42 -18.32 -22.38
CA ALA A 193 3.94 -18.37 -21.01
C ALA A 193 4.33 -19.66 -20.29
N GLU A 194 4.21 -20.81 -20.97
CA GLU A 194 4.61 -22.04 -20.31
C GLU A 194 6.08 -22.08 -20.10
N ARG A 195 6.85 -21.55 -21.04
CA ARG A 195 8.27 -21.49 -20.85
C ARG A 195 8.66 -20.68 -19.60
N LEU A 196 8.02 -19.52 -19.38
CA LEU A 196 8.26 -18.73 -18.15
C LEU A 196 7.78 -19.47 -16.90
N SER A 197 6.61 -20.12 -17.03
CA SER A 197 6.00 -20.83 -15.88
C SER A 197 6.87 -22.01 -15.38
N ALA A 198 7.85 -22.39 -16.19
CA ALA A 198 8.79 -23.45 -15.85
C ALA A 198 10.10 -22.97 -15.23
N MET A 199 10.31 -21.64 -15.24
CA MET A 199 11.56 -21.08 -14.76
C MET A 199 11.51 -20.90 -13.23
N PRO A 200 12.65 -20.55 -12.60
CA PRO A 200 12.69 -20.33 -11.12
C PRO A 200 11.91 -19.08 -10.72
N THR A 201 10.61 -19.27 -10.53
CA THR A 201 9.69 -18.19 -10.26
C THR A 201 10.11 -17.26 -9.10
N LYS A 202 10.71 -17.82 -8.05
CA LYS A 202 11.13 -16.98 -6.89
C LYS A 202 12.28 -16.05 -7.27
N ALA A 203 13.21 -16.54 -8.08
CA ALA A 203 14.29 -15.68 -8.61
C ALA A 203 13.71 -14.61 -9.51
N ILE A 204 12.70 -14.96 -10.29
CA ILE A 204 12.05 -13.96 -11.20
C ILE A 204 11.35 -12.87 -10.36
N GLY A 205 10.69 -13.26 -9.28
CA GLY A 205 10.05 -12.23 -8.41
C GLY A 205 11.06 -11.29 -7.77
N LEU A 206 12.18 -11.85 -7.33
CA LEU A 206 13.26 -11.07 -6.73
C LEU A 206 13.95 -10.14 -7.74
N ILE A 207 14.08 -10.59 -8.98
CA ILE A 207 14.62 -9.66 -9.99
CA ILE A 207 14.55 -9.73 -10.11
C ILE A 207 13.64 -8.50 -10.27
N LYS A 208 12.33 -8.78 -10.29
CA LYS A 208 11.37 -7.69 -10.40
C LYS A 208 11.46 -6.75 -9.18
N ARG A 209 11.69 -7.32 -8.02
CA ARG A 209 11.85 -6.52 -6.79
C ARG A 209 13.06 -5.61 -6.95
N LEU A 210 14.16 -6.20 -7.44
CA LEU A 210 15.38 -5.45 -7.63
C LEU A 210 15.28 -4.40 -8.73
N LEU A 211 14.51 -4.68 -9.79
CA LEU A 211 14.30 -3.66 -10.84
C LEU A 211 13.54 -2.45 -10.29
N ARG A 212 12.61 -2.69 -9.38
CA ARG A 212 11.94 -1.63 -8.61
C ARG A 212 12.94 -0.88 -7.76
N GLU A 213 13.78 -1.61 -7.02
CA GLU A 213 14.82 -0.95 -6.18
C GLU A 213 15.76 -0.09 -7.05
N SER A 214 16.18 -0.65 -8.17
CA SER A 214 17.06 0.03 -9.14
C SER A 214 16.53 1.41 -9.57
N GLU A 215 15.22 1.53 -9.79
CA GLU A 215 14.62 2.79 -10.24
C GLU A 215 14.34 3.77 -9.09
N GLU A 216 14.41 3.33 -7.85
CA GLU A 216 14.05 4.20 -6.72
C GLU A 216 15.14 4.51 -5.71
N THR A 217 16.27 3.78 -5.74
CA THR A 217 17.30 3.95 -4.70
C THR A 217 18.68 4.36 -5.27
N THR A 218 19.62 4.70 -4.41
CA THR A 218 20.98 5.04 -4.84
C THR A 218 21.85 3.79 -5.00
N PHE A 219 22.96 3.91 -5.72
CA PHE A 219 23.85 2.75 -5.93
C PHE A 219 24.23 2.01 -4.64
N ASP A 220 24.71 2.75 -3.63
CA ASP A 220 25.12 2.17 -2.37
C ASP A 220 24.01 1.37 -1.70
N ARG A 221 22.80 1.92 -1.66
CA ARG A 221 21.71 1.25 -1.01
C ARG A 221 21.28 0.06 -1.87
N TYR A 222 21.30 0.26 -3.19
CA TYR A 222 20.97 -0.81 -4.13
C TYR A 222 21.75 -2.11 -3.84
N LEU A 223 23.05 -2.00 -3.68
CA LEU A 223 23.88 -3.19 -3.39
C LEU A 223 23.44 -3.92 -2.09
N GLU A 224 22.98 -3.17 -1.08
CA GLU A 224 22.49 -3.81 0.15
C GLU A 224 21.18 -4.56 -0.13
N ARG A 225 20.28 -3.96 -0.92
CA ARG A 225 19.04 -4.64 -1.35
C ARG A 225 19.37 -5.91 -2.16
N GLU A 226 20.33 -5.80 -3.08
CA GLU A 226 20.70 -6.93 -3.91
C GLU A 226 21.18 -8.14 -3.10
N ALA A 227 22.05 -7.85 -2.12
CA ALA A 227 22.64 -8.90 -1.28
C ALA A 227 21.56 -9.64 -0.50
N GLU A 228 20.60 -8.88 0.04
CA GLU A 228 19.44 -9.50 0.69
C GLU A 228 18.62 -10.41 -0.26
N CYS A 229 18.36 -9.95 -1.48
CA CYS A 229 17.63 -10.78 -2.46
C CYS A 229 18.32 -12.08 -2.80
N GLN A 230 19.64 -12.04 -2.86
CA GLN A 230 20.45 -13.17 -3.25
C GLN A 230 20.56 -14.17 -2.10
N ARG A 231 20.57 -13.69 -0.84
CA ARG A 231 20.52 -14.60 0.33
C ARG A 231 19.26 -15.42 0.22
N ILE A 232 18.15 -14.75 -0.06
CA ILE A 232 16.85 -15.44 -0.31
C ILE A 232 16.88 -16.41 -1.51
N ALA A 233 17.34 -15.96 -2.69
CA ALA A 233 17.31 -16.86 -3.84
C ALA A 233 18.17 -18.09 -3.53
N GLY A 234 19.24 -17.87 -2.77
CA GLY A 234 20.22 -18.88 -2.49
C GLY A 234 19.72 -20.00 -1.59
N LEU A 235 18.64 -19.74 -0.84
CA LEU A 235 18.11 -20.68 0.13
C LEU A 235 17.05 -21.55 -0.52
N THR A 236 16.65 -21.15 -1.73
CA THR A 236 15.51 -21.65 -2.44
C THR A 236 15.81 -23.10 -2.94
N SER A 237 14.75 -23.91 -3.14
CA SER A 237 14.97 -25.28 -3.64
C SER A 237 15.42 -25.22 -5.10
N ASP A 238 14.91 -24.24 -5.81
CA ASP A 238 15.27 -24.09 -7.21
C ASP A 238 16.75 -23.87 -7.41
N HIS A 239 17.38 -23.09 -6.54
CA HIS A 239 18.81 -22.87 -6.61
C HIS A 239 19.59 -24.19 -6.49
N ARG A 240 19.26 -25.00 -5.47
CA ARG A 240 19.95 -26.29 -5.32
C ARG A 240 19.64 -27.29 -6.44
N GLU A 241 18.45 -27.27 -7.02
CA GLU A 241 18.21 -28.00 -8.29
C GLU A 241 19.11 -27.49 -9.45
N GLY A 242 19.24 -26.18 -9.59
CA GLY A 242 20.04 -25.58 -10.66
C GLY A 242 21.51 -25.96 -10.58
N VAL A 243 22.03 -26.02 -9.37
CA VAL A 243 23.42 -26.41 -9.16
C VAL A 243 23.64 -27.92 -9.35
N LYS A 244 22.73 -28.74 -8.86
CA LYS A 244 22.78 -30.19 -9.05
C LYS A 244 22.59 -30.61 -10.52
N ALA A 245 21.95 -29.77 -11.34
CA ALA A 245 21.75 -30.06 -12.76
C ALA A 245 22.88 -29.55 -13.63
N PHE A 246 23.54 -28.47 -13.20
CA PHE A 246 24.72 -27.95 -13.88
C PHE A 246 25.83 -28.96 -13.68
N PHE A 247 26.11 -29.26 -12.41
CA PHE A 247 27.11 -30.26 -12.04
C PHE A 247 26.65 -31.69 -12.32
N GLU A 248 25.76 -31.86 -13.31
CA GLU A 248 25.35 -33.20 -13.75
C GLU A 248 25.08 -33.26 -15.26
N LYS A 249 25.50 -32.23 -15.99
CA LYS A 249 25.24 -32.09 -17.44
C LYS A 249 23.78 -32.43 -17.78
N ARG A 250 22.86 -31.87 -16.96
CA ARG A 250 21.45 -32.26 -16.97
C ARG A 250 20.54 -31.02 -17.07
N LYS A 251 19.33 -31.24 -17.60
CA LYS A 251 18.26 -30.23 -17.65
C LYS A 251 17.60 -30.07 -16.27
N PRO A 252 17.64 -28.83 -15.70
CA PRO A 252 17.10 -28.59 -14.36
C PRO A 252 15.58 -28.68 -14.37
N LEU A 253 14.98 -29.22 -13.31
CA LEU A 253 13.54 -29.13 -13.17
C LEU A 253 13.14 -28.22 -12.00
N PHE A 254 12.59 -27.05 -12.33
CA PHE A 254 12.30 -26.01 -11.32
C PHE A 254 10.85 -26.04 -10.86
N GLN A 255 10.64 -25.69 -9.59
CA GLN A 255 9.32 -25.68 -9.03
C GLN A 255 8.79 -24.30 -8.67
N GLY A 256 9.66 -23.30 -8.61
CA GLY A 256 9.22 -21.95 -8.21
C GLY A 256 9.32 -21.66 -6.72
N ASN A 257 10.05 -22.49 -5.98
CA ASN A 257 10.35 -22.22 -4.57
C ASN A 257 11.70 -22.76 -4.23
N MET B 1 -19.03 -10.79 16.35
CA MET B 1 -17.99 -9.88 15.77
C MET B 1 -16.59 -10.11 16.40
N TYR B 2 -16.03 -9.14 17.12
CA TYR B 2 -14.63 -9.26 17.60
C TYR B 2 -14.47 -10.06 18.88
N GLU B 3 -13.34 -10.76 18.96
CA GLU B 3 -13.05 -11.62 20.10
C GLU B 3 -11.94 -11.12 21.03
N THR B 4 -10.99 -10.37 20.49
CA THR B 4 -9.83 -9.91 21.27
C THR B 4 -9.86 -8.42 21.53
N ILE B 5 -10.86 -7.75 20.97
CA ILE B 5 -10.99 -6.31 21.14
C ILE B 5 -12.48 -6.00 21.26
N ARG B 6 -12.82 -4.81 21.75
CA ARG B 6 -14.19 -4.29 21.57
C ARG B 6 -14.10 -3.09 20.64
N TYR B 7 -15.13 -2.90 19.84
CA TYR B 7 -15.19 -1.76 18.96
C TYR B 7 -16.62 -1.20 19.11
N GLU B 8 -16.73 0.05 19.56
CA GLU B 8 -18.05 0.69 19.74
C GLU B 8 -17.94 2.09 19.22
N VAL B 9 -18.88 2.49 18.36
CA VAL B 9 -19.02 3.90 17.96
C VAL B 9 -20.03 4.55 18.93
N LYS B 10 -19.57 5.52 19.70
CA LYS B 10 -20.43 6.27 20.61
C LYS B 10 -20.33 7.75 20.26
N GLY B 11 -21.47 8.31 19.87
CA GLY B 11 -21.52 9.62 19.27
C GLY B 11 -20.78 9.49 17.95
N GLN B 12 -19.71 10.26 17.82
CA GLN B 12 -18.89 10.20 16.61
C GLN B 12 -17.45 9.77 16.89
N VAL B 13 -17.29 9.01 17.97
CA VAL B 13 -15.99 8.44 18.37
C VAL B 13 -16.02 6.93 18.25
N ALA B 14 -15.03 6.36 17.56
CA ALA B 14 -14.80 4.92 17.57
C ALA B 14 -13.89 4.57 18.76
N TRP B 15 -14.46 3.88 19.74
CA TRP B 15 -13.70 3.36 20.87
C TRP B 15 -13.22 1.95 20.53
N LEU B 16 -11.91 1.81 20.43
CA LEU B 16 -11.26 0.51 20.17
C LEU B 16 -10.48 0.11 21.40
N THR B 17 -10.94 -0.93 22.11
CA THR B 17 -10.35 -1.28 23.38
C THR B 17 -9.75 -2.63 23.21
N LEU B 18 -8.45 -2.71 23.46
CA LEU B 18 -7.76 -3.97 23.42
C LEU B 18 -8.28 -4.76 24.59
N ASN B 19 -8.61 -6.02 24.34
CA ASN B 19 -9.43 -6.79 25.29
C ASN B 19 -8.96 -8.20 25.63
N ARG B 20 -7.75 -8.29 26.15
CA ARG B 20 -7.23 -9.53 26.78
C ARG B 20 -6.59 -9.18 28.10
N PRO B 21 -7.38 -8.63 29.04
CA PRO B 21 -6.81 -7.99 30.24
C PRO B 21 -5.94 -8.94 31.09
N ASP B 22 -6.26 -10.23 31.07
CA ASP B 22 -5.57 -11.21 31.92
C ASP B 22 -4.10 -11.33 31.48
N GLN B 23 -3.85 -11.10 30.19
CA GLN B 23 -2.52 -11.12 29.57
C GLN B 23 -2.05 -9.70 29.22
N LEU B 24 -2.59 -8.72 29.93
CA LEU B 24 -2.17 -7.32 29.80
C LEU B 24 -2.33 -6.83 28.35
N ASN B 25 -3.35 -7.36 27.67
CA ASN B 25 -3.76 -6.99 26.31
C ASN B 25 -2.70 -7.23 25.24
N ALA B 26 -1.87 -8.26 25.50
CA ALA B 26 -0.78 -8.61 24.62
C ALA B 26 -1.29 -9.10 23.26
N PHE B 27 -0.54 -8.74 22.21
CA PHE B 27 -0.88 -9.10 20.84
C PHE B 27 -0.78 -10.61 20.52
N THR B 28 -1.85 -11.13 19.94
CA THR B 28 -1.86 -12.45 19.32
C THR B 28 -2.16 -12.16 17.85
N GLU B 29 -2.01 -13.16 16.98
CA GLU B 29 -2.26 -13.02 15.55
C GLU B 29 -3.67 -12.52 15.27
N GLN B 30 -4.61 -13.02 16.08
CA GLN B 30 -6.00 -12.60 16.04
C GLN B 30 -6.16 -11.14 16.42
N MET B 31 -5.55 -10.73 17.53
CA MET B 31 -5.60 -9.33 17.92
C MET B 31 -5.09 -8.42 16.82
N ASN B 32 -3.95 -8.78 16.21
CA ASN B 32 -3.39 -7.92 15.18
C ASN B 32 -4.37 -7.82 14.03
N ALA B 33 -4.99 -8.96 13.67
CA ALA B 33 -5.95 -8.98 12.57
C ALA B 33 -7.20 -8.18 12.91
N GLU B 34 -7.66 -8.26 14.15
CA GLU B 34 -8.90 -7.59 14.48
C GLU B 34 -8.64 -6.09 14.55
N VAL B 35 -7.48 -5.68 15.07
CA VAL B 35 -7.13 -4.24 15.13
C VAL B 35 -7.06 -3.65 13.75
N THR B 36 -6.42 -4.35 12.83
CA THR B 36 -6.37 -3.93 11.43
C THR B 36 -7.76 -3.67 10.81
N LYS B 37 -8.68 -4.62 11.01
CA LYS B 37 -10.03 -4.55 10.43
C LYS B 37 -10.78 -3.39 11.05
N ALA B 38 -10.66 -3.25 12.39
CA ALA B 38 -11.32 -2.20 13.12
C ALA B 38 -10.82 -0.80 12.71
N LEU B 39 -9.50 -0.66 12.47
CA LEU B 39 -8.94 0.65 12.03
C LEU B 39 -9.45 1.03 10.64
N LYS B 40 -9.46 0.05 9.74
CA LYS B 40 -10.01 0.21 8.41
C LYS B 40 -11.49 0.59 8.44
N GLN B 41 -12.23 -0.04 9.35
CA GLN B 41 -13.68 0.17 9.47
C GLN B 41 -13.90 1.60 9.95
N ALA B 42 -13.08 2.01 10.92
CA ALA B 42 -13.17 3.35 11.48
C ALA B 42 -12.88 4.40 10.42
N GLY B 43 -11.93 4.10 9.53
CA GLY B 43 -11.65 5.01 8.38
C GLY B 43 -12.78 5.15 7.37
N ALA B 44 -13.45 4.03 7.09
CA ALA B 44 -14.57 3.98 6.13
C ALA B 44 -15.91 4.52 6.68
N ASP B 45 -16.07 4.56 8.02
CA ASP B 45 -17.33 4.94 8.66
C ASP B 45 -17.44 6.44 8.71
N PRO B 46 -18.34 7.03 7.87
CA PRO B 46 -18.56 8.47 7.85
C PRO B 46 -19.01 9.05 9.19
N ASN B 47 -19.64 8.22 10.03
CA ASN B 47 -20.04 8.65 11.38
C ASN B 47 -18.88 8.71 12.40
N VAL B 48 -17.72 8.17 12.04
CA VAL B 48 -16.57 8.16 12.94
C VAL B 48 -15.66 9.35 12.59
N ARG B 49 -15.48 10.26 13.55
CA ARG B 49 -14.65 11.45 13.32
C ARG B 49 -13.43 11.52 14.27
N CYS B 50 -13.30 10.52 15.14
CA CYS B 50 -12.16 10.38 16.06
C CYS B 50 -12.07 8.90 16.47
N VAL B 51 -10.84 8.35 16.57
CA VAL B 51 -10.64 7.00 17.08
C VAL B 51 -9.89 7.13 18.42
N VAL B 52 -10.32 6.36 19.41
CA VAL B 52 -9.56 6.17 20.66
C VAL B 52 -9.16 4.71 20.78
N ILE B 53 -7.88 4.48 21.07
CA ILE B 53 -7.38 3.14 21.36
C ILE B 53 -7.00 3.13 22.81
N THR B 54 -7.55 2.17 23.54
CA THR B 54 -7.23 2.04 24.96
C THR B 54 -7.20 0.55 25.30
N GLY B 55 -6.87 0.24 26.55
CA GLY B 55 -6.71 -1.14 26.99
C GLY B 55 -7.72 -1.43 28.10
N ALA B 56 -8.32 -2.61 28.06
CA ALA B 56 -9.16 -3.14 29.17
C ALA B 56 -8.26 -3.53 30.33
N GLY B 57 -8.76 -3.34 31.55
CA GLY B 57 -8.01 -3.76 32.75
C GLY B 57 -6.99 -2.76 33.25
N ARG B 58 -5.93 -3.28 33.89
CA ARG B 58 -4.88 -2.43 34.45
C ARG B 58 -3.87 -1.91 33.42
N ALA B 59 -3.66 -2.66 32.33
CA ALA B 59 -2.57 -2.33 31.39
C ALA B 59 -3.15 -1.75 30.08
N PHE B 60 -2.32 -0.99 29.37
CA PHE B 60 -2.70 -0.55 28.04
C PHE B 60 -2.42 -1.71 27.10
N CYS B 61 -1.14 -2.07 26.98
CA CYS B 61 -0.73 -3.18 26.13
C CYS B 61 0.71 -3.56 26.41
N ALA B 62 0.91 -4.82 26.80
CA ALA B 62 2.22 -5.36 27.14
C ALA B 62 3.12 -5.71 25.95
N GLY B 63 2.62 -5.59 24.72
CA GLY B 63 3.40 -6.03 23.53
C GLY B 63 3.11 -7.47 23.10
N GLU B 64 4.06 -8.12 22.45
CA GLU B 64 3.81 -9.46 21.91
C GLU B 64 3.42 -10.46 23.04
N ASP B 65 2.40 -11.28 22.79
CA ASP B 65 2.00 -12.29 23.76
C ASP B 65 3.07 -13.39 23.75
N LEU B 66 3.57 -13.71 24.94
CA LEU B 66 4.66 -14.67 25.13
C LEU B 66 4.26 -16.14 25.09
N SER B 67 3.02 -16.44 25.46
CA SER B 67 2.56 -17.83 25.51
C SER B 67 2.67 -18.49 24.13
N ASP B 74 9.91 -17.07 12.43
CA ASP B 74 10.92 -16.05 12.08
C ASP B 74 10.47 -14.70 12.64
N HIS B 75 11.31 -13.96 13.35
CA HIS B 75 10.94 -12.60 13.84
C HIS B 75 10.56 -11.58 12.77
N GLY B 76 11.26 -11.66 11.64
CA GLY B 76 10.98 -10.85 10.46
C GLY B 76 9.60 -11.18 9.92
N ASP B 77 9.31 -12.46 9.79
CA ASP B 77 8.04 -12.88 9.24
C ASP B 77 6.88 -12.56 10.14
N VAL B 78 7.11 -12.60 11.45
CA VAL B 78 6.05 -12.18 12.38
C VAL B 78 5.69 -10.70 12.17
N LEU B 79 6.72 -9.87 12.08
CA LEU B 79 6.54 -8.45 11.84
C LEU B 79 5.87 -8.17 10.48
N ARG B 80 6.35 -8.82 9.42
CA ARG B 80 5.76 -8.59 8.08
C ARG B 80 4.32 -9.03 7.95
N SER B 81 3.97 -10.16 8.56
CA SER B 81 2.65 -10.75 8.36
C SER B 81 1.61 -10.29 9.34
N ARG B 82 2.01 -9.95 10.56
CA ARG B 82 1.06 -9.61 11.63
C ARG B 82 1.01 -8.11 11.91
N TYR B 83 2.18 -7.52 12.17
CA TYR B 83 2.24 -6.13 12.59
C TYR B 83 2.18 -5.13 11.44
N ALA B 84 2.76 -5.45 10.31
CA ALA B 84 2.83 -4.46 9.23
C ALA B 84 1.44 -4.07 8.72
N PRO B 85 0.53 -5.05 8.48
CA PRO B 85 -0.83 -4.64 8.12
C PRO B 85 -1.46 -3.70 9.15
N MET B 86 -1.24 -3.98 10.45
CA MET B 86 -1.85 -3.19 11.53
C MET B 86 -1.26 -1.77 11.59
N MET B 87 0.06 -1.68 11.63
CA MET B 87 0.71 -0.36 11.69
C MET B 87 0.45 0.44 10.39
N LYS B 88 0.35 -0.26 9.25
CA LYS B 88 0.05 0.46 8.01
C LYS B 88 -1.39 1.01 7.99
N ALA B 89 -2.34 0.23 8.47
CA ALA B 89 -3.72 0.72 8.59
C ALA B 89 -3.81 1.97 9.49
N LEU B 90 -3.04 1.98 10.57
CA LEU B 90 -3.01 3.16 11.45
C LEU B 90 -2.38 4.37 10.77
N HIS B 91 -1.26 4.12 10.10
CA HIS B 91 -0.44 5.17 9.54
C HIS B 91 -1.21 5.87 8.41
N HIS B 92 -2.05 5.12 7.72
CA HIS B 92 -2.78 5.72 6.59
C HIS B 92 -4.16 6.30 6.92
N LEU B 93 -4.64 6.08 8.16
CA LEU B 93 -5.87 6.67 8.65
C LEU B 93 -5.72 8.20 8.70
N GLU B 94 -6.68 8.92 8.13
CA GLU B 94 -6.57 10.36 8.15
C GLU B 94 -7.41 11.02 9.26
N LYS B 95 -8.21 10.24 9.97
CA LYS B 95 -8.93 10.73 11.13
C LYS B 95 -8.00 10.78 12.34
N PRO B 96 -8.30 11.65 13.32
CA PRO B 96 -7.42 11.76 14.45
C PRO B 96 -7.53 10.53 15.37
N VAL B 97 -6.37 10.07 15.83
CA VAL B 97 -6.33 8.88 16.67
C VAL B 97 -5.71 9.26 18.00
N VAL B 98 -6.40 8.92 19.08
CA VAL B 98 -5.95 9.16 20.45
C VAL B 98 -5.55 7.81 21.11
N ALA B 99 -4.34 7.71 21.64
CA ALA B 99 -3.96 6.57 22.51
C ALA B 99 -4.28 6.98 23.91
N ALA B 100 -5.27 6.33 24.52
CA ALA B 100 -5.60 6.65 25.90
C ALA B 100 -4.89 5.54 26.69
N VAL B 101 -3.68 5.85 27.15
CA VAL B 101 -2.78 4.91 27.80
C VAL B 101 -3.16 4.78 29.28
N ASN B 102 -3.95 3.76 29.57
CA ASN B 102 -4.63 3.67 30.88
C ASN B 102 -3.72 3.01 31.93
N GLY B 103 -2.64 2.39 31.48
CA GLY B 103 -1.69 1.76 32.40
C GLY B 103 -0.46 1.40 31.63
N ALA B 104 0.18 0.30 32.02
CA ALA B 104 1.45 -0.13 31.40
C ALA B 104 1.42 -0.35 29.88
N ALA B 105 2.37 0.27 29.18
CA ALA B 105 2.56 -0.01 27.75
C ALA B 105 4.00 -0.45 27.57
N ALA B 106 4.19 -1.63 26.98
CA ALA B 106 5.52 -2.24 26.86
C ALA B 106 5.73 -2.80 25.47
N GLY B 107 6.98 -2.80 24.98
CA GLY B 107 7.27 -3.46 23.71
C GLY B 107 6.43 -2.85 22.59
N ALA B 108 5.85 -3.69 21.74
CA ALA B 108 4.96 -3.24 20.66
C ALA B 108 3.72 -2.47 21.18
N GLY B 109 3.36 -2.61 22.46
CA GLY B 109 2.30 -1.77 23.02
C GLY B 109 2.72 -0.32 23.09
N MET B 110 3.97 -0.05 23.42
CA MET B 110 4.48 1.32 23.41
C MET B 110 4.55 1.80 21.96
N SER B 111 4.97 0.92 21.04
CA SER B 111 5.06 1.28 19.62
C SER B 111 3.69 1.76 19.11
N LEU B 112 2.64 1.03 19.46
CA LEU B 112 1.31 1.43 19.05
C LEU B 112 0.94 2.81 19.59
N ALA B 113 1.28 3.09 20.86
CA ALA B 113 0.98 4.41 21.41
C ALA B 113 1.75 5.51 20.66
N LEU B 114 3.02 5.22 20.35
CA LEU B 114 3.89 6.20 19.64
C LEU B 114 3.37 6.57 18.27
N ALA B 115 2.63 5.64 17.64
CA ALA B 115 2.14 5.81 16.30
C ALA B 115 0.87 6.64 16.27
N CYS B 116 0.21 6.82 17.41
CA CYS B 116 -1.06 7.61 17.49
C CYS B 116 -0.83 9.12 17.42
N ASP B 117 -1.88 9.88 17.04
CA ASP B 117 -1.73 11.36 16.96
C ASP B 117 -1.53 12.04 18.31
N PHE B 118 -2.30 11.61 19.31
CA PHE B 118 -2.22 12.14 20.66
C PHE B 118 -2.08 10.99 21.65
N ARG B 119 -1.51 11.28 22.82
CA ARG B 119 -1.29 10.29 23.86
C ARG B 119 -1.80 10.91 25.16
N LEU B 120 -2.88 10.37 25.68
CA LEU B 120 -3.36 10.82 26.98
C LEU B 120 -2.85 9.80 27.98
N LEU B 121 -2.00 10.23 28.90
CA LEU B 121 -1.42 9.27 29.84
C LEU B 121 -2.18 9.32 31.16
N SER B 122 -2.61 8.16 31.65
CA SER B 122 -3.12 8.06 33.01
C SER B 122 -1.96 8.24 33.98
N GLU B 123 -2.21 8.78 35.18
CA GLU B 123 -1.14 8.85 36.20
C GLU B 123 -0.46 7.49 36.46
N LYS B 124 -1.16 6.41 36.14
CA LYS B 124 -0.60 5.05 36.31
C LYS B 124 -0.03 4.40 35.03
N ALA B 125 0.06 5.18 33.96
CA ALA B 125 0.67 4.71 32.72
C ALA B 125 2.19 4.68 32.88
N SER B 126 2.86 3.87 32.08
CA SER B 126 4.32 3.88 32.04
C SER B 126 4.67 3.40 30.63
N PHE B 127 5.91 3.61 30.20
CA PHE B 127 6.33 3.13 28.86
C PHE B 127 7.59 2.34 29.10
N ALA B 128 7.66 1.10 28.60
CA ALA B 128 8.84 0.29 28.81
C ALA B 128 9.37 -0.12 27.46
N PRO B 129 10.46 0.53 27.01
CA PRO B 129 11.08 0.16 25.72
C PRO B 129 12.00 -1.04 26.00
N ALA B 130 11.40 -2.21 26.22
CA ALA B 130 12.08 -3.33 26.88
C ALA B 130 12.80 -4.30 25.92
N PHE B 131 12.64 -4.05 24.63
CA PHE B 131 13.18 -4.89 23.56
C PHE B 131 14.63 -5.29 23.81
N ILE B 132 15.45 -4.32 24.14
CA ILE B 132 16.90 -4.51 24.31
C ILE B 132 17.23 -5.58 25.35
N HIS B 133 16.37 -5.72 26.36
CA HIS B 133 16.66 -6.64 27.48
C HIS B 133 16.53 -8.09 27.03
N VAL B 134 15.86 -8.33 25.90
CA VAL B 134 15.91 -9.67 25.30
C VAL B 134 16.73 -9.72 24.04
N GLY B 135 17.61 -8.75 23.85
CA GLY B 135 18.50 -8.73 22.66
C GLY B 135 17.79 -8.52 21.32
N LEU B 136 16.61 -7.92 21.36
CA LEU B 136 15.87 -7.51 20.14
C LEU B 136 15.88 -5.98 19.96
N VAL B 137 15.52 -5.50 18.75
CA VAL B 137 15.39 -4.08 18.48
C VAL B 137 13.92 -3.63 18.70
N PRO B 138 13.71 -2.35 19.10
CA PRO B 138 12.37 -1.83 19.05
C PRO B 138 11.72 -1.97 17.67
N ASP B 139 10.51 -2.49 17.63
CA ASP B 139 9.93 -2.81 16.32
C ASP B 139 8.47 -2.34 16.18
N ALA B 140 7.76 -2.81 15.14
CA ALA B 140 6.40 -2.33 14.86
C ALA B 140 6.37 -0.80 14.68
N GLY B 141 7.40 -0.29 14.01
CA GLY B 141 7.52 1.13 13.66
C GLY B 141 8.18 2.01 14.72
N HIS B 142 8.57 1.40 15.85
CA HIS B 142 9.05 2.15 17.03
C HIS B 142 10.08 3.22 16.72
N LEU B 143 11.11 2.82 16.00
CA LEU B 143 12.25 3.71 15.75
C LEU B 143 12.04 4.63 14.53
N TYR B 144 10.89 4.46 13.89
CA TYR B 144 10.37 5.46 12.92
C TYR B 144 9.79 6.62 13.69
N TYR B 145 8.88 6.31 14.61
CA TYR B 145 8.16 7.35 15.32
C TYR B 145 8.95 7.97 16.45
N LEU B 146 9.75 7.15 17.16
CA LEU B 146 10.40 7.65 18.38
C LEU B 146 11.28 8.90 18.15
N PRO B 147 12.27 8.84 17.24
CA PRO B 147 13.09 10.05 17.02
C PRO B 147 12.34 11.29 16.53
N ARG B 148 11.25 11.11 15.76
CA ARG B 148 10.40 12.23 15.36
C ARG B 148 9.68 12.88 16.57
N LEU B 149 9.48 12.11 17.65
CA LEU B 149 8.82 12.61 18.89
C LEU B 149 9.79 13.18 19.95
N VAL B 150 10.98 12.57 20.09
CA VAL B 150 11.90 12.90 21.20
C VAL B 150 13.30 13.31 20.75
N GLY B 151 13.61 13.22 19.46
CA GLY B 151 14.93 13.53 18.97
C GLY B 151 15.87 12.34 18.98
N ARG B 152 16.92 12.44 18.21
CA ARG B 152 17.87 11.36 18.04
C ARG B 152 18.53 10.88 19.35
N ALA B 153 19.01 11.83 20.15
CA ALA B 153 19.70 11.45 21.41
C ALA B 153 18.78 10.66 22.34
N LYS B 154 17.60 11.19 22.61
CA LYS B 154 16.72 10.53 23.58
C LYS B 154 16.16 9.23 22.98
N ALA B 155 15.98 9.17 21.67
CA ALA B 155 15.57 7.87 21.03
C ALA B 155 16.62 6.75 21.28
N LEU B 156 17.88 7.12 21.10
CA LEU B 156 19.01 6.18 21.33
C LEU B 156 19.06 5.76 22.81
N GLU B 157 18.93 6.73 23.72
CA GLU B 157 18.92 6.44 25.13
C GLU B 157 17.82 5.43 25.53
N LEU B 158 16.58 5.71 25.11
CA LEU B 158 15.45 4.84 25.42
C LEU B 158 15.61 3.47 24.79
N ALA B 159 15.95 3.41 23.51
CA ALA B 159 16.12 2.15 22.77
C ALA B 159 17.24 1.25 23.31
N VAL B 160 18.39 1.87 23.61
CA VAL B 160 19.61 1.15 24.02
C VAL B 160 19.65 0.86 25.52
N LEU B 161 19.31 1.86 26.33
CA LEU B 161 19.38 1.65 27.78
C LEU B 161 18.13 0.90 28.26
N GLY B 162 16.99 1.18 27.63
CA GLY B 162 15.82 0.35 27.78
C GLY B 162 15.13 0.58 29.12
N GLU B 163 15.21 1.77 29.68
CA GLU B 163 14.63 2.00 30.99
C GLU B 163 13.16 2.42 30.91
N LYS B 164 12.35 1.78 31.75
CA LYS B 164 10.94 2.11 31.90
C LYS B 164 10.75 3.54 32.37
N VAL B 165 9.77 4.23 31.82
CA VAL B 165 9.54 5.62 32.19
C VAL B 165 8.13 5.83 32.73
N THR B 166 8.03 6.66 33.77
CA THR B 166 6.73 6.94 34.41
C THR B 166 5.95 7.88 33.50
N ALA B 167 4.66 8.05 33.78
CA ALA B 167 3.84 9.07 33.11
C ALA B 167 4.46 10.47 33.12
N GLU B 168 4.87 10.97 34.29
CA GLU B 168 5.49 12.30 34.33
C GLU B 168 6.82 12.42 33.54
N GLU B 169 7.64 11.38 33.62
CA GLU B 169 8.88 11.30 32.81
C GLU B 169 8.55 11.29 31.31
N ALA B 170 7.55 10.50 30.92
CA ALA B 170 7.05 10.47 29.55
C ALA B 170 6.68 11.88 29.12
N ALA B 171 5.90 12.59 29.94
CA ALA B 171 5.54 13.97 29.65
C ALA B 171 6.72 14.93 29.45
N ALA B 172 7.74 14.81 30.31
CA ALA B 172 8.93 15.67 30.23
C ALA B 172 9.75 15.33 28.98
N LEU B 173 9.58 14.11 28.48
CA LEU B 173 10.27 13.65 27.27
C LEU B 173 9.57 14.13 25.99
N GLY B 174 8.31 14.57 26.08
CA GLY B 174 7.54 14.95 24.88
C GLY B 174 6.57 13.89 24.36
N LEU B 175 6.37 12.85 25.17
CA LEU B 175 5.51 11.72 24.82
C LEU B 175 4.06 11.76 25.32
N ALA B 176 3.68 12.80 26.03
CA ALA B 176 2.30 12.89 26.53
C ALA B 176 1.66 14.15 26.07
N THR B 177 0.50 14.02 25.44
CA THR B 177 -0.35 15.18 25.19
C THR B 177 -0.85 15.77 26.54
N LYS B 178 -1.16 14.89 27.48
CA LYS B 178 -1.75 15.28 28.74
C LYS B 178 -1.48 14.12 29.70
N VAL B 179 -1.22 14.43 30.97
CA VAL B 179 -1.21 13.40 32.01
C VAL B 179 -2.48 13.58 32.86
N ILE B 180 -3.32 12.55 32.92
CA ILE B 180 -4.64 12.66 33.55
C ILE B 180 -4.73 11.89 34.88
N PRO B 181 -5.13 12.59 35.98
CA PRO B 181 -5.39 11.84 37.23
C PRO B 181 -6.33 10.64 37.07
N LEU B 182 -6.14 9.61 37.89
CA LEU B 182 -6.99 8.44 37.89
C LEU B 182 -8.48 8.79 38.10
N SER B 183 -8.76 9.79 38.95
CA SER B 183 -10.14 10.18 39.28
C SER B 183 -10.78 11.04 38.18
N ASP B 184 -9.99 11.35 37.15
CA ASP B 184 -10.45 12.22 36.07
C ASP B 184 -10.45 11.47 34.73
N TRP B 185 -9.94 10.23 34.72
CA TRP B 185 -9.70 9.44 33.49
C TRP B 185 -10.88 9.32 32.53
N GLU B 186 -11.95 8.65 32.96
CA GLU B 186 -13.10 8.37 32.11
C GLU B 186 -13.65 9.63 31.43
N GLU B 187 -13.84 10.69 32.20
CA GLU B 187 -14.52 11.88 31.69
C GLU B 187 -13.59 12.78 30.84
N GLU B 188 -12.33 12.91 31.26
CA GLU B 188 -11.35 13.65 30.46
C GLU B 188 -11.03 13.00 29.11
N VAL B 189 -10.82 11.69 29.07
CA VAL B 189 -10.55 10.99 27.80
C VAL B 189 -11.78 11.15 26.88
N LYS B 190 -12.97 10.91 27.44
CA LYS B 190 -14.21 11.16 26.69
C LYS B 190 -14.34 12.58 26.13
N GLN B 191 -14.11 13.59 26.96
CA GLN B 191 -14.20 14.99 26.55
C GLN B 191 -13.18 15.39 25.47
N PHE B 192 -11.96 14.90 25.62
CA PHE B 192 -10.93 15.12 24.61
C PHE B 192 -11.35 14.49 23.27
N ALA B 193 -11.74 13.22 23.27
CA ALA B 193 -12.16 12.55 22.05
C ALA B 193 -13.39 13.22 21.42
N GLU B 194 -14.38 13.57 22.26
CA GLU B 194 -15.57 14.22 21.71
C GLU B 194 -15.27 15.63 21.18
N ARG B 195 -14.37 16.36 21.80
CA ARG B 195 -13.93 17.63 21.23
C ARG B 195 -13.27 17.44 19.86
N LEU B 196 -12.45 16.40 19.70
CA LEU B 196 -11.82 16.18 18.43
C LEU B 196 -12.88 15.79 17.40
N SER B 197 -13.84 14.96 17.82
CA SER B 197 -14.83 14.44 16.92
C SER B 197 -15.76 15.55 16.41
N ALA B 198 -15.75 16.71 17.09
CA ALA B 198 -16.56 17.88 16.69
C ALA B 198 -15.86 18.84 15.72
N MET B 199 -14.54 18.72 15.57
CA MET B 199 -13.76 19.58 14.68
C MET B 199 -13.93 19.27 13.19
N PRO B 200 -13.43 20.16 12.28
CA PRO B 200 -13.40 19.89 10.82
C PRO B 200 -12.48 18.71 10.48
N THR B 201 -13.06 17.52 10.53
CA THR B 201 -12.38 16.27 10.32
C THR B 201 -11.61 16.22 9.00
N LYS B 202 -12.19 16.77 7.92
CA LYS B 202 -11.47 16.74 6.62
C LYS B 202 -10.17 17.55 6.72
N ALA B 203 -10.21 18.73 7.34
CA ALA B 203 -9.01 19.56 7.54
C ALA B 203 -7.98 18.81 8.38
N ILE B 204 -8.44 18.10 9.42
CA ILE B 204 -7.51 17.32 10.25
C ILE B 204 -6.80 16.26 9.41
N GLY B 205 -7.57 15.62 8.52
CA GLY B 205 -7.00 14.64 7.63
C GLY B 205 -5.96 15.24 6.71
N LEU B 206 -6.18 16.49 6.29
CA LEU B 206 -5.29 17.12 5.33
C LEU B 206 -4.04 17.59 6.07
N ILE B 207 -4.23 17.97 7.32
CA ILE B 207 -3.10 18.33 8.22
C ILE B 207 -2.15 17.13 8.40
N LYS B 208 -2.71 15.97 8.69
CA LYS B 208 -1.90 14.74 8.80
C LYS B 208 -1.16 14.43 7.49
N ARG B 209 -1.85 14.62 6.38
CA ARG B 209 -1.25 14.43 5.06
C ARG B 209 -0.08 15.41 4.83
N LEU B 210 -0.29 16.70 5.12
CA LEU B 210 0.81 17.69 5.02
C LEU B 210 1.99 17.43 5.95
N LEU B 211 1.74 17.00 7.19
CA LEU B 211 2.86 16.63 8.09
C LEU B 211 3.76 15.50 7.55
N ARG B 212 3.16 14.58 6.80
CA ARG B 212 3.88 13.55 6.06
C ARG B 212 4.60 14.15 4.85
N GLU B 213 3.96 15.08 4.13
CA GLU B 213 4.62 15.73 3.00
C GLU B 213 5.83 16.55 3.42
N SER B 214 5.70 17.18 4.59
CA SER B 214 6.66 18.11 5.15
C SER B 214 8.04 17.46 5.35
N GLU B 215 8.07 16.16 5.58
CA GLU B 215 9.35 15.46 5.77
C GLU B 215 9.87 14.73 4.52
N GLU B 216 9.19 14.92 3.40
CA GLU B 216 9.40 14.11 2.22
C GLU B 216 9.75 14.96 0.99
N THR B 217 9.54 16.28 1.07
CA THR B 217 9.83 17.14 -0.09
C THR B 217 10.60 18.40 0.19
N THR B 218 11.06 19.03 -0.89
CA THR B 218 11.68 20.33 -0.87
C THR B 218 10.63 21.38 -0.54
N PHE B 219 11.09 22.54 -0.08
CA PHE B 219 10.20 23.65 0.29
C PHE B 219 9.31 24.08 -0.87
N ASP B 220 9.88 24.23 -2.06
CA ASP B 220 9.11 24.59 -3.27
C ASP B 220 7.99 23.61 -3.57
N ARG B 221 8.31 22.32 -3.54
CA ARG B 221 7.37 21.25 -3.80
C ARG B 221 6.32 21.15 -2.66
N TYR B 222 6.77 21.29 -1.41
CA TYR B 222 5.86 21.39 -0.25
C TYR B 222 4.75 22.45 -0.49
N LEU B 223 5.12 23.66 -0.94
CA LEU B 223 4.13 24.73 -1.16
C LEU B 223 3.04 24.30 -2.17
N GLU B 224 3.44 23.50 -3.16
CA GLU B 224 2.47 22.98 -4.11
C GLU B 224 1.52 21.99 -3.47
N ARG B 225 2.04 21.06 -2.66
CA ARG B 225 1.17 20.09 -2.00
C ARG B 225 0.23 20.87 -1.06
N GLU B 226 0.78 21.89 -0.39
CA GLU B 226 0.00 22.70 0.54
C GLU B 226 -1.13 23.43 -0.19
N ALA B 227 -0.83 24.02 -1.35
CA ALA B 227 -1.86 24.68 -2.15
C ALA B 227 -2.99 23.70 -2.57
N GLU B 228 -2.62 22.50 -2.97
CA GLU B 228 -3.62 21.47 -3.31
C GLU B 228 -4.53 21.13 -2.11
N CYS B 229 -3.94 20.95 -0.94
CA CYS B 229 -4.74 20.61 0.28
C CYS B 229 -5.67 21.74 0.69
N GLN B 230 -5.20 22.98 0.60
CA GLN B 230 -6.06 24.15 0.90
C GLN B 230 -7.20 24.34 -0.08
N ARG B 231 -6.96 24.04 -1.36
CA ARG B 231 -8.06 24.06 -2.34
C ARG B 231 -9.18 23.13 -1.88
N ILE B 232 -8.80 21.91 -1.51
CA ILE B 232 -9.81 20.94 -1.13
C ILE B 232 -10.45 21.34 0.22
N ALA B 233 -9.65 21.78 1.20
CA ALA B 233 -10.23 22.25 2.48
C ALA B 233 -11.23 23.42 2.26
N GLY B 234 -10.93 24.31 1.32
CA GLY B 234 -11.77 25.44 0.96
C GLY B 234 -13.11 25.08 0.32
N LEU B 235 -13.19 23.93 -0.30
CA LEU B 235 -14.41 23.42 -0.90
C LEU B 235 -15.34 22.64 0.05
N THR B 236 -14.91 22.43 1.30
CA THR B 236 -15.68 21.60 2.23
C THR B 236 -16.88 22.38 2.75
N SER B 237 -17.93 21.67 3.13
CA SER B 237 -19.05 22.29 3.86
C SER B 237 -18.61 22.89 5.19
N ASP B 238 -17.64 22.27 5.84
CA ASP B 238 -17.16 22.77 7.12
C ASP B 238 -16.48 24.12 6.99
N HIS B 239 -15.72 24.32 5.91
CA HIS B 239 -15.12 25.62 5.71
C HIS B 239 -16.20 26.68 5.50
N ARG B 240 -17.24 26.32 4.76
CA ARG B 240 -18.33 27.28 4.58
C ARG B 240 -19.00 27.61 5.92
N GLU B 241 -19.21 26.59 6.74
CA GLU B 241 -19.79 26.79 8.06
C GLU B 241 -18.89 27.64 8.99
N GLY B 242 -17.57 27.47 8.91
CA GLY B 242 -16.66 28.22 9.78
C GLY B 242 -16.66 29.68 9.41
N VAL B 243 -16.74 29.93 8.11
CA VAL B 243 -16.83 31.30 7.57
C VAL B 243 -18.14 31.96 8.01
N LYS B 244 -19.26 31.28 7.74
CA LYS B 244 -20.58 31.72 8.18
C LYS B 244 -20.64 32.04 9.68
N ALA B 245 -20.19 31.09 10.52
CA ALA B 245 -20.17 31.30 11.97
C ALA B 245 -19.28 32.48 12.40
N PHE B 246 -18.10 32.60 11.78
CA PHE B 246 -17.10 33.61 12.17
C PHE B 246 -17.62 35.02 11.92
N PHE B 247 -18.40 35.17 10.86
CA PHE B 247 -18.98 36.47 10.51
C PHE B 247 -20.32 36.69 11.19
N GLU B 248 -21.01 35.61 11.58
CA GLU B 248 -22.21 35.72 12.43
C GLU B 248 -21.90 35.68 13.94
N LYS B 249 -20.62 35.73 14.31
CA LYS B 249 -20.14 35.58 15.71
C LYS B 249 -20.86 34.52 16.54
N ARG B 250 -21.12 33.35 15.94
CA ARG B 250 -21.77 32.23 16.59
C ARG B 250 -20.85 31.02 16.49
N LYS B 251 -21.07 30.01 17.33
CA LYS B 251 -20.26 28.79 17.29
C LYS B 251 -20.58 27.95 16.05
N PRO B 252 -19.54 27.51 15.33
CA PRO B 252 -19.82 26.73 14.14
C PRO B 252 -20.14 25.32 14.55
N LEU B 253 -21.05 24.71 13.81
CA LEU B 253 -21.37 23.30 13.99
C LEU B 253 -20.77 22.51 12.81
N PHE B 254 -19.60 21.90 13.04
CA PHE B 254 -18.95 21.12 11.95
C PHE B 254 -19.50 19.72 11.83
N GLN B 255 -19.44 19.17 10.62
CA GLN B 255 -20.01 17.85 10.36
C GLN B 255 -18.92 16.88 9.89
N GLY B 256 -17.73 17.40 9.61
CA GLY B 256 -16.65 16.55 9.09
C GLY B 256 -16.72 16.26 7.60
N ASN B 257 -17.27 17.20 6.84
CA ASN B 257 -17.22 17.16 5.40
C ASN B 257 -17.23 18.59 4.83
#